data_5LSS
#
_entry.id   5LSS
#
_cell.length_a   43.330
_cell.length_b   77.216
_cell.length_c   76.358
_cell.angle_alpha   90.00
_cell.angle_beta   90.00
_cell.angle_gamma   90.00
#
_symmetry.space_group_name_H-M   'P 21 21 21'
#
loop_
_entity.id
_entity.type
_entity.pdbx_description
1 polymer 'Histone-lysine N-methyltransferase SETD2'
2 non-polymer 'ZINC ION'
3 non-polymer 'THIOCYANATE ION'
4 non-polymer [(2~{S},5~{R})-1-[(2~{R},3~{S},4~{R},5~{R})-5-(6-aminopurin-9-yl)-3,4-bis(oxidanyl)oxolan-2-yl]-5-azaniumyl-6-oxidanyl-6-oxidanylidene-hexan-2-yl]-propyl-azanium
5 water water
#
_entity_poly.entity_id   1
_entity_poly.type   'polypeptide(L)'
_entity_poly.pdbx_seq_one_letter_code
;MHHHHHHSSGRENLYFQGETSVPPGSALVGPSCVMDDFRDPQRWKECAKQGKMPCYFDLIEENVYLTERKKNKSHRDIKR
MQCECTPLSKDERAQGEIACGEDCLNRLLMIECSSRCPNGDYCSNRRFQRKQHADVEVILTEKKGWGLRAAKDLPSNTFV
LEYCGEVLDHKEFKARVKEYARNKNIHYYFMALKNDEIIDATQKGNCSRFMNHSCEPNCETQKWTVNGQLRVGFFTTKLV
PSGSELTFDYQFQRYGKEAQKCFCGSANCRGYLGGENRVSIRAAGGKMKKERSRK
;
_entity_poly.pdbx_strand_id   A
#
loop_
_chem_comp.id
_chem_comp.type
_chem_comp.name
_chem_comp.formula
76H non-polymer [(2~{S},5~{R})-1-[(2~{R},3~{S},4~{R},5~{R})-5-(6-aminopurin-9-yl)-3,4-bis(oxidanyl)oxolan-2-yl]-5-azaniumyl-6-oxidanyl-6-oxidanylidene-hexan-2-yl]-propyl-azanium 'C18 H31 N7 O5 2'
SCN non-polymer 'THIOCYANATE ION' 'C N S -1'
ZN non-polymer 'ZINC ION' 'Zn 2'
#
# COMPACT_ATOMS: atom_id res chain seq x y z
N LEU A 28 8.36 13.44 -15.30
CA LEU A 28 8.69 12.03 -15.68
C LEU A 28 9.96 11.93 -16.54
N VAL A 29 11.08 11.62 -15.88
CA VAL A 29 12.32 11.29 -16.60
C VAL A 29 12.20 9.90 -17.26
N GLY A 30 11.36 9.03 -16.68
CA GLY A 30 10.92 7.78 -17.33
C GLY A 30 9.45 7.80 -17.72
N PRO A 31 8.91 6.67 -18.21
CA PRO A 31 7.47 6.57 -18.44
C PRO A 31 6.68 6.49 -17.13
N SER A 32 5.39 6.81 -17.22
CA SER A 32 4.45 6.70 -16.11
C SER A 32 3.13 6.09 -16.55
N CYS A 33 2.37 5.59 -15.58
CA CYS A 33 1.01 5.11 -15.85
C CYS A 33 0.11 5.30 -14.66
N VAL A 34 -1.19 5.28 -14.94
CA VAL A 34 -2.22 5.57 -13.93
C VAL A 34 -2.76 4.24 -13.45
N MET A 35 -3.36 4.21 -12.26
CA MET A 35 -3.77 2.91 -11.69
C MET A 35 -4.79 2.15 -12.53
N ASP A 36 -5.69 2.85 -13.20
CA ASP A 36 -6.65 2.22 -14.10
C ASP A 36 -6.00 1.48 -15.28
N ASP A 37 -4.80 1.89 -15.71
CA ASP A 37 -4.08 1.18 -16.80
C ASP A 37 -3.83 -0.31 -16.51
N PHE A 38 -3.81 -0.68 -15.23
CA PHE A 38 -3.60 -2.06 -14.80
C PHE A 38 -4.86 -2.94 -14.89
N ARG A 39 -6.03 -2.34 -15.13
CA ARG A 39 -7.28 -3.07 -15.27
C ARG A 39 -7.43 -3.80 -16.60
N ASP A 40 -6.70 -3.37 -17.63
CA ASP A 40 -6.78 -3.91 -18.99
C ASP A 40 -5.59 -4.85 -19.24
N PRO A 41 -5.75 -6.17 -19.01
CA PRO A 41 -4.56 -7.03 -18.98
C PRO A 41 -3.90 -7.25 -20.34
N GLN A 42 -4.65 -7.09 -21.43
CA GLN A 42 -4.11 -7.24 -22.78
C GLN A 42 -3.27 -6.01 -23.17
N ARG A 43 -3.81 -4.82 -22.96
CA ARG A 43 -3.07 -3.57 -23.21
C ARG A 43 -1.85 -3.43 -22.27
N TRP A 44 -1.99 -3.85 -21.02
CA TRP A 44 -0.86 -3.87 -20.09
C TRP A 44 0.31 -4.75 -20.60
N LYS A 45 0.04 -6.02 -20.91
CA LYS A 45 1.07 -6.92 -21.44
C LYS A 45 1.76 -6.37 -22.70
N GLU A 46 0.99 -5.67 -23.54
CA GLU A 46 1.53 -4.95 -24.71
C GLU A 46 2.36 -3.72 -24.34
N CYS A 47 1.94 -2.97 -23.33
CA CYS A 47 2.73 -1.84 -22.78
C CYS A 47 4.02 -2.33 -22.12
N ALA A 48 3.91 -3.45 -21.39
CA ALA A 48 5.07 -4.06 -20.75
C ALA A 48 6.10 -4.51 -21.79
N LYS A 49 5.63 -5.00 -22.93
CA LYS A 49 6.54 -5.34 -24.05
C LYS A 49 7.39 -4.14 -24.52
N GLN A 50 6.78 -2.95 -24.54
CA GLN A 50 7.46 -1.71 -24.93
CA GLN A 50 7.45 -1.70 -24.93
C GLN A 50 8.19 -1.01 -23.76
N GLY A 51 8.13 -1.59 -22.57
CA GLY A 51 8.74 -1.00 -21.36
C GLY A 51 7.99 0.21 -20.82
N LYS A 52 6.73 0.36 -21.20
CA LYS A 52 5.93 1.53 -20.81
C LYS A 52 5.15 1.26 -19.55
N MET A 53 5.11 0.01 -19.11
CA MET A 53 4.47 -0.40 -17.86
C MET A 53 5.29 -1.51 -17.24
N PRO A 54 5.15 -1.71 -15.93
CA PRO A 54 5.88 -2.82 -15.30
C PRO A 54 5.43 -4.20 -15.75
N CYS A 55 6.25 -5.20 -15.45
CA CYS A 55 5.92 -6.60 -15.69
C CYS A 55 4.54 -6.94 -15.12
N TYR A 56 3.83 -7.81 -15.83
CA TYR A 56 2.54 -8.34 -15.40
C TYR A 56 2.59 -8.93 -13.96
N PHE A 57 1.55 -8.67 -13.18
CA PHE A 57 1.23 -9.41 -11.95
C PHE A 57 -0.32 -9.51 -11.90
N ASP A 58 -0.85 -10.39 -11.04
CA ASP A 58 -2.30 -10.52 -10.88
CA ASP A 58 -2.30 -10.53 -10.86
C ASP A 58 -2.83 -9.39 -9.99
N LEU A 59 -3.59 -8.48 -10.58
CA LEU A 59 -4.16 -7.37 -9.85
C LEU A 59 -5.35 -7.84 -9.01
N ILE A 60 -5.30 -7.56 -7.72
CA ILE A 60 -6.36 -7.90 -6.77
C ILE A 60 -6.82 -6.68 -5.97
N GLU A 61 -8.06 -6.74 -5.52
CA GLU A 61 -8.74 -5.64 -4.81
C GLU A 61 -8.67 -5.81 -3.31
N GLU A 62 -8.38 -7.03 -2.85
CA GLU A 62 -8.42 -7.36 -1.44
C GLU A 62 -7.48 -8.55 -1.23
N ASN A 63 -6.97 -8.68 -0.02
CA ASN A 63 -6.09 -9.78 0.35
C ASN A 63 -6.72 -11.15 0.06
N VAL A 64 -5.88 -12.08 -0.41
CA VAL A 64 -6.31 -13.44 -0.62
C VAL A 64 -5.50 -14.31 0.32
N TYR A 65 -6.19 -15.05 1.17
CA TYR A 65 -5.53 -16.00 2.07
C TYR A 65 -5.16 -17.25 1.29
N LEU A 66 -3.87 -17.58 1.25
CA LEU A 66 -3.45 -18.81 0.63
C LEU A 66 -4.06 -20.02 1.37
N THR A 67 -4.10 -19.97 2.69
CA THR A 67 -4.84 -20.95 3.51
C THR A 67 -5.89 -20.17 4.28
N GLU A 68 -7.16 -20.48 4.11
CA GLU A 68 -8.23 -19.76 4.84
C GLU A 68 -8.09 -20.00 6.34
N ARG A 69 -8.35 -18.98 7.16
CA ARG A 69 -8.12 -19.07 8.60
C ARG A 69 -9.40 -19.33 9.42
N LYS A 70 -9.31 -20.25 10.37
CA LYS A 70 -10.47 -20.74 11.14
C LYS A 70 -11.01 -19.70 12.12
N MET A 81 -18.23 -2.83 17.02
CA MET A 81 -19.28 -1.99 17.58
C MET A 81 -19.10 -0.48 17.22
N GLN A 82 -19.82 0.38 17.93
CA GLN A 82 -20.06 1.76 17.50
C GLN A 82 -19.09 2.73 18.14
N CYS A 83 -18.74 3.78 17.39
CA CYS A 83 -18.13 4.96 17.98
C CYS A 83 -19.23 5.83 18.66
N GLU A 84 -18.85 7.00 19.18
CA GLU A 84 -19.80 7.89 19.90
C GLU A 84 -20.04 9.19 19.14
N CYS A 85 -19.73 9.16 17.85
CA CYS A 85 -19.90 10.31 17.00
C CYS A 85 -21.39 10.59 16.91
N THR A 86 -21.73 11.86 17.01
CA THR A 86 -23.13 12.25 16.94
C THR A 86 -23.47 12.23 15.45
N PRO A 87 -24.61 11.61 15.08
CA PRO A 87 -25.02 11.65 13.67
C PRO A 87 -25.10 13.10 13.17
N LEU A 88 -24.37 13.39 12.09
CA LEU A 88 -24.49 14.71 11.45
C LEU A 88 -25.89 14.88 10.89
N SER A 89 -26.44 16.09 11.01
CA SER A 89 -27.69 16.43 10.35
C SER A 89 -27.44 16.68 8.86
N LYS A 90 -28.53 16.84 8.11
CA LYS A 90 -28.44 17.19 6.69
C LYS A 90 -27.71 18.53 6.55
N ASP A 91 -28.01 19.47 7.44
CA ASP A 91 -27.44 20.83 7.38
C ASP A 91 -25.95 20.82 7.64
N GLU A 92 -25.54 20.09 8.67
CA GLU A 92 -24.11 19.91 8.99
C GLU A 92 -23.37 19.26 7.81
N ARG A 93 -23.97 18.23 7.23
CA ARG A 93 -23.43 17.58 6.01
C ARG A 93 -23.26 18.59 4.87
N ALA A 94 -24.30 19.38 4.61
CA ALA A 94 -24.27 20.45 3.62
C ALA A 94 -23.23 21.50 3.98
N GLN A 95 -23.24 21.90 5.25
CA GLN A 95 -22.28 22.89 5.82
C GLN A 95 -20.81 22.45 5.80
N GLY A 96 -20.53 21.16 5.54
CA GLY A 96 -19.19 20.68 5.27
C GLY A 96 -18.54 19.92 6.41
N GLU A 97 -19.28 19.64 7.48
CA GLU A 97 -18.71 18.95 8.67
C GLU A 97 -18.37 17.51 8.35
N ILE A 98 -17.37 16.99 9.05
CA ILE A 98 -16.82 15.66 8.81
C ILE A 98 -17.43 14.67 9.78
N ALA A 99 -17.87 13.52 9.26
CA ALA A 99 -18.45 12.46 10.07
C ALA A 99 -17.35 11.46 10.45
N CYS A 100 -17.29 11.13 11.75
CA CYS A 100 -16.27 10.22 12.29
C CYS A 100 -14.86 10.70 11.98
N GLY A 101 -14.62 11.95 12.37
CA GLY A 101 -13.30 12.57 12.13
C GLY A 101 -12.31 12.23 13.25
N GLU A 102 -11.44 13.20 13.56
CA GLU A 102 -10.25 12.98 14.40
C GLU A 102 -10.57 12.41 15.76
N ASP A 103 -11.73 12.77 16.32
CA ASP A 103 -12.12 12.31 17.66
C ASP A 103 -12.90 10.99 17.68
N CYS A 104 -13.17 10.41 16.52
CA CYS A 104 -13.92 9.17 16.45
C CYS A 104 -13.20 8.09 17.24
N LEU A 105 -13.90 7.50 18.22
CA LEU A 105 -13.30 6.43 19.03
C LEU A 105 -12.78 5.24 18.20
N ASN A 106 -13.55 4.83 17.19
CA ASN A 106 -13.08 3.77 16.30
C ASN A 106 -11.78 4.16 15.61
N ARG A 107 -11.73 5.38 15.09
CA ARG A 107 -10.51 5.88 14.45
C ARG A 107 -9.31 5.80 15.39
N LEU A 108 -9.49 6.26 16.63
CA LEU A 108 -8.43 6.20 17.63
C LEU A 108 -7.99 4.77 17.96
N LEU A 109 -8.94 3.82 17.92
CA LEU A 109 -8.66 2.39 18.11
C LEU A 109 -8.05 1.70 16.87
N MET A 110 -7.96 2.43 15.78
CA MET A 110 -7.51 1.91 14.49
C MET A 110 -8.44 0.77 14.00
N ILE A 111 -9.73 0.99 14.23
CA ILE A 111 -10.80 0.13 13.79
C ILE A 111 -11.65 0.94 12.81
N GLU A 112 -11.86 0.44 11.58
CA GLU A 112 -12.81 1.12 10.69
C GLU A 112 -14.25 0.90 11.14
N CYS A 113 -15.11 1.87 10.88
CA CYS A 113 -16.52 1.72 11.15
C CYS A 113 -17.13 0.75 10.14
N SER A 114 -18.27 0.18 10.52
CA SER A 114 -19.05 -0.70 9.68
C SER A 114 -20.20 0.07 9.04
N SER A 115 -20.97 -0.63 8.22
CA SER A 115 -22.21 -0.10 7.65
C SER A 115 -23.23 0.37 8.72
N ARG A 116 -23.12 -0.14 9.95
CA ARG A 116 -24.00 0.24 11.05
C ARG A 116 -23.57 1.51 11.79
N CYS A 117 -22.51 2.16 11.34
CA CYS A 117 -22.09 3.44 11.93
C CYS A 117 -23.25 4.40 12.07
N PRO A 118 -23.34 5.14 13.21
CA PRO A 118 -24.44 6.09 13.30
C PRO A 118 -24.42 7.17 12.21
N ASN A 119 -23.26 7.46 11.61
CA ASN A 119 -23.19 8.38 10.46
C ASN A 119 -23.43 7.71 9.10
N GLY A 120 -23.65 6.40 9.08
CA GLY A 120 -23.99 5.66 7.87
C GLY A 120 -23.12 6.03 6.69
N ASP A 121 -23.76 6.43 5.58
CA ASP A 121 -23.05 6.73 4.34
C ASP A 121 -22.07 7.90 4.45
N TYR A 122 -22.31 8.82 5.38
CA TYR A 122 -21.41 9.96 5.61
C TYR A 122 -20.05 9.57 6.23
N CYS A 123 -19.98 8.45 6.93
CA CYS A 123 -18.79 8.08 7.72
C CYS A 123 -17.47 8.17 6.95
N SER A 124 -16.52 8.94 7.47
CA SER A 124 -15.21 9.10 6.81
C SER A 124 -14.16 8.09 7.28
N ASN A 125 -14.59 7.17 8.15
CA ASN A 125 -13.74 6.19 8.75
C ASN A 125 -13.98 4.78 8.17
N ARG A 126 -14.19 4.70 6.85
CA ARG A 126 -14.33 3.42 6.16
C ARG A 126 -13.41 3.46 4.92
N ARG A 127 -12.22 4.02 5.09
CA ARG A 127 -11.33 4.29 3.93
C ARG A 127 -10.82 3.03 3.20
N PHE A 128 -10.42 1.99 3.94
CA PHE A 128 -10.00 0.74 3.32
C PHE A 128 -11.14 0.10 2.56
N GLN A 129 -12.32 0.07 3.20
CA GLN A 129 -13.49 -0.63 2.69
C GLN A 129 -13.99 0.05 1.43
N ARG A 130 -13.91 1.39 1.44
CA ARG A 130 -14.39 2.19 0.32
C ARG A 130 -13.32 2.44 -0.75
N LYS A 131 -12.13 1.90 -0.57
CA LYS A 131 -11.00 2.12 -1.48
C LYS A 131 -10.83 3.60 -1.74
N GLN A 132 -10.74 4.39 -0.68
CA GLN A 132 -10.64 5.85 -0.77
C GLN A 132 -9.15 6.20 -0.86
N HIS A 133 -8.55 5.71 -1.94
CA HIS A 133 -7.10 5.81 -2.15
CA HIS A 133 -7.11 5.79 -2.16
C HIS A 133 -6.72 7.19 -2.67
N ALA A 134 -5.46 7.58 -2.47
CA ALA A 134 -4.92 8.79 -3.04
C ALA A 134 -4.69 8.67 -4.57
N ASP A 135 -4.59 9.82 -5.23
CA ASP A 135 -4.27 9.88 -6.64
C ASP A 135 -2.75 9.70 -6.82
N VAL A 136 -2.37 8.51 -7.25
CA VAL A 136 -0.95 8.13 -7.39
C VAL A 136 -0.71 7.56 -8.79
N GLU A 137 0.52 7.73 -9.28
CA GLU A 137 0.93 7.15 -10.56
C GLU A 137 2.11 6.20 -10.35
N VAL A 138 2.25 5.24 -11.26
CA VAL A 138 3.38 4.33 -11.24
C VAL A 138 4.39 4.85 -12.27
N ILE A 139 5.63 4.99 -11.82
CA ILE A 139 6.68 5.66 -12.59
C ILE A 139 7.94 4.79 -12.61
N LEU A 140 8.77 4.93 -13.64
CA LEU A 140 10.04 4.21 -13.69
C LEU A 140 11.16 5.05 -13.08
N THR A 141 11.76 4.58 -11.99
CA THR A 141 12.81 5.35 -11.31
C THR A 141 14.15 5.08 -11.98
N GLU A 142 15.16 5.87 -11.64
CA GLU A 142 16.48 5.72 -12.24
C GLU A 142 17.16 4.42 -11.86
N LYS A 143 17.05 4.04 -10.59
CA LYS A 143 17.82 2.88 -10.06
C LYS A 143 17.05 1.86 -9.20
N LYS A 144 15.79 2.10 -8.84
CA LYS A 144 15.10 1.22 -7.89
C LYS A 144 14.02 0.39 -8.59
N GLY A 145 13.91 0.50 -9.91
CA GLY A 145 12.81 -0.13 -10.63
C GLY A 145 11.64 0.84 -10.73
N TRP A 146 10.44 0.29 -10.74
CA TRP A 146 9.24 1.12 -10.76
C TRP A 146 8.98 1.67 -9.34
N GLY A 147 8.17 2.72 -9.26
CA GLY A 147 7.81 3.38 -8.01
C GLY A 147 6.45 4.04 -8.11
N LEU A 148 6.02 4.63 -7.00
CA LEU A 148 4.78 5.38 -6.91
C LEU A 148 5.07 6.83 -6.72
N ARG A 149 4.35 7.68 -7.42
CA ARG A 149 4.44 9.11 -7.15
C ARG A 149 3.07 9.73 -6.96
N ALA A 150 3.04 10.82 -6.20
CA ALA A 150 1.81 11.60 -6.04
C ALA A 150 1.44 12.30 -7.32
N ALA A 151 0.18 12.12 -7.73
CA ALA A 151 -0.35 12.80 -8.93
C ALA A 151 -0.96 14.17 -8.61
N LYS A 152 -1.21 14.41 -7.34
CA LYS A 152 -1.52 15.77 -6.88
C LYS A 152 -1.02 15.89 -5.46
N ASP A 153 -1.11 17.08 -4.86
CA ASP A 153 -0.59 17.24 -3.49
C ASP A 153 -1.38 16.35 -2.56
N LEU A 154 -0.69 15.60 -1.72
CA LEU A 154 -1.32 14.70 -0.76
C LEU A 154 -1.13 15.30 0.63
N PRO A 155 -2.24 15.67 1.32
CA PRO A 155 -2.11 16.17 2.69
C PRO A 155 -1.39 15.24 3.63
N SER A 156 -0.80 15.83 4.67
CA SER A 156 -0.12 15.04 5.68
C SER A 156 -1.12 14.11 6.37
N ASN A 157 -0.66 12.95 6.79
CA ASN A 157 -1.47 12.03 7.57
C ASN A 157 -2.77 11.65 6.88
N THR A 158 -2.67 11.31 5.58
CA THR A 158 -3.77 10.80 4.80
C THR A 158 -3.48 9.41 4.16
N PHE A 159 -4.55 8.68 3.93
CA PHE A 159 -4.51 7.30 3.38
C PHE A 159 -4.03 7.34 1.92
N VAL A 160 -3.04 6.51 1.60
CA VAL A 160 -2.54 6.38 0.24
C VAL A 160 -3.15 5.20 -0.49
N LEU A 161 -2.83 3.98 -0.05
CA LEU A 161 -3.26 2.72 -0.71
C LEU A 161 -3.20 1.63 0.33
N GLU A 162 -4.08 0.63 0.20
CA GLU A 162 -3.93 -0.58 1.01
C GLU A 162 -2.81 -1.45 0.40
N TYR A 163 -2.01 -2.09 1.27
CA TYR A 163 -1.04 -3.09 0.81
C TYR A 163 -1.75 -4.44 0.74
N CYS A 164 -2.13 -4.84 -0.47
CA CYS A 164 -2.82 -6.10 -0.72
C CYS A 164 -1.88 -7.17 -1.29
N GLY A 165 -2.16 -8.42 -0.96
CA GLY A 165 -1.43 -9.54 -1.48
C GLY A 165 -1.99 -10.88 -1.07
N GLU A 166 -1.20 -11.91 -1.37
CA GLU A 166 -1.50 -13.23 -0.85
C GLU A 166 -1.04 -13.23 0.60
N VAL A 167 -1.91 -13.62 1.52
CA VAL A 167 -1.51 -13.71 2.91
C VAL A 167 -1.02 -15.16 3.16
N LEU A 168 0.21 -15.24 3.64
CA LEU A 168 0.92 -16.49 3.91
C LEU A 168 0.99 -16.77 5.40
N ASP A 169 0.82 -18.02 5.79
CA ASP A 169 1.22 -18.49 7.12
C ASP A 169 2.75 -18.72 7.18
N HIS A 170 3.26 -19.09 8.34
CA HIS A 170 4.71 -19.26 8.50
C HIS A 170 5.32 -20.33 7.60
N LYS A 171 4.59 -21.39 7.30
CA LYS A 171 5.05 -22.47 6.43
C LYS A 171 5.12 -22.05 4.96
N GLU A 172 4.08 -21.36 4.52
CA GLU A 172 4.02 -20.81 3.17
C GLU A 172 5.07 -19.75 2.95
N PHE A 173 5.26 -18.89 3.94
CA PHE A 173 6.31 -17.88 3.91
C PHE A 173 7.68 -18.54 3.76
N LYS A 174 7.96 -19.56 4.58
CA LYS A 174 9.23 -20.29 4.49
C LYS A 174 9.48 -20.79 3.06
N ALA A 175 8.46 -21.42 2.49
CA ALA A 175 8.53 -21.91 1.12
C ALA A 175 8.78 -20.82 0.06
N ARG A 176 8.07 -19.70 0.18
CA ARG A 176 8.19 -18.59 -0.78
C ARG A 176 9.57 -17.94 -0.66
N VAL A 177 10.06 -17.76 0.57
CA VAL A 177 11.43 -17.23 0.72
C VAL A 177 12.43 -18.09 -0.06
N LYS A 178 12.35 -19.41 0.14
CA LYS A 178 13.21 -20.36 -0.58
C LYS A 178 13.07 -20.27 -2.13
N GLU A 179 11.83 -20.23 -2.63
CA GLU A 179 11.52 -20.13 -4.06
C GLU A 179 12.08 -18.83 -4.67
N TYR A 180 11.86 -17.72 -3.98
CA TYR A 180 12.31 -16.43 -4.54
C TYR A 180 13.84 -16.33 -4.57
N ALA A 181 14.49 -16.89 -3.56
CA ALA A 181 15.95 -17.02 -3.55
C ALA A 181 16.44 -17.91 -4.69
N ARG A 182 15.83 -19.10 -4.84
N ARG A 182 15.84 -19.10 -4.85
CA ARG A 182 16.14 -20.02 -5.94
CA ARG A 182 16.19 -20.01 -5.94
C ARG A 182 15.99 -19.34 -7.30
C ARG A 182 15.99 -19.34 -7.30
N ASN A 183 14.92 -18.56 -7.45
CA ASN A 183 14.65 -17.87 -8.72
C ASN A 183 15.43 -16.59 -8.94
N LYS A 184 16.21 -16.17 -7.94
CA LYS A 184 17.07 -15.00 -8.04
C LYS A 184 16.28 -13.71 -8.29
N ASN A 185 15.10 -13.61 -7.67
CA ASN A 185 14.28 -12.41 -7.80
C ASN A 185 15.07 -11.21 -7.28
N ILE A 186 14.88 -10.07 -7.92
CA ILE A 186 15.57 -8.84 -7.52
C ILE A 186 14.82 -8.17 -6.38
N HIS A 187 13.52 -7.97 -6.57
CA HIS A 187 12.71 -7.21 -5.63
C HIS A 187 11.99 -8.07 -4.64
N TYR A 188 11.76 -7.49 -3.45
CA TYR A 188 10.95 -8.14 -2.40
C TYR A 188 9.62 -7.43 -2.24
N TYR A 189 8.59 -8.21 -1.92
CA TYR A 189 7.20 -7.72 -1.78
C TYR A 189 6.50 -8.26 -0.55
N PHE A 190 7.27 -8.70 0.44
CA PHE A 190 6.70 -9.22 1.70
C PHE A 190 6.44 -8.07 2.68
N MET A 191 5.40 -8.19 3.47
CA MET A 191 5.14 -7.30 4.60
C MET A 191 4.46 -8.08 5.71
N ALA A 192 5.07 -8.07 6.90
CA ALA A 192 4.48 -8.70 8.05
C ALA A 192 3.16 -8.00 8.43
N LEU A 193 2.11 -8.79 8.68
CA LEU A 193 0.81 -8.28 9.09
C LEU A 193 0.52 -8.56 10.59
N LYS A 194 0.62 -9.81 11.00
CA LYS A 194 0.45 -10.22 12.37
C LYS A 194 1.10 -11.57 12.52
N ASN A 195 1.09 -12.12 13.73
CA ASN A 195 1.57 -13.48 13.90
C ASN A 195 0.93 -14.44 12.86
N ASP A 196 1.77 -15.22 12.19
CA ASP A 196 1.35 -16.21 11.20
C ASP A 196 0.62 -15.64 9.97
N GLU A 197 0.82 -14.34 9.70
CA GLU A 197 0.29 -13.66 8.51
C GLU A 197 1.34 -12.70 7.94
N ILE A 198 1.87 -13.08 6.79
CA ILE A 198 2.81 -12.27 6.03
CA ILE A 198 2.80 -12.25 6.04
C ILE A 198 2.17 -12.04 4.65
N ILE A 199 2.03 -10.79 4.24
CA ILE A 199 1.50 -10.47 2.93
C ILE A 199 2.62 -10.62 1.94
N ASP A 200 2.33 -11.28 0.84
CA ASP A 200 3.26 -11.45 -0.26
C ASP A 200 2.58 -10.89 -1.50
N ALA A 201 3.08 -9.76 -1.99
CA ALA A 201 2.55 -9.17 -3.23
C ALA A 201 3.38 -9.45 -4.49
N THR A 202 4.20 -10.51 -4.44
CA THR A 202 5.07 -10.83 -5.54
C THR A 202 4.31 -11.22 -6.79
N GLN A 203 3.33 -12.10 -6.63
CA GLN A 203 2.51 -12.62 -7.70
C GLN A 203 1.16 -11.94 -7.82
N LYS A 204 0.52 -11.65 -6.68
CA LYS A 204 -0.81 -11.02 -6.62
C LYS A 204 -0.73 -9.81 -5.73
N GLY A 205 -1.23 -8.68 -6.20
CA GLY A 205 -1.26 -7.48 -5.39
C GLY A 205 -1.90 -6.30 -6.10
N ASN A 206 -1.58 -5.10 -5.63
CA ASN A 206 -2.01 -3.91 -6.33
C ASN A 206 -0.82 -2.97 -6.51
N CYS A 207 -1.05 -1.74 -6.93
CA CYS A 207 0.05 -0.81 -7.23
C CYS A 207 0.90 -0.47 -6.00
N SER A 208 0.39 -0.70 -4.79
CA SER A 208 1.20 -0.56 -3.57
C SER A 208 2.45 -1.39 -3.53
N ARG A 209 2.49 -2.49 -4.29
CA ARG A 209 3.70 -3.31 -4.39
C ARG A 209 4.90 -2.52 -4.90
N PHE A 210 4.65 -1.42 -5.62
CA PHE A 210 5.75 -0.65 -6.18
C PHE A 210 6.40 0.34 -5.21
N MET A 211 5.83 0.54 -4.01
CA MET A 211 6.42 1.52 -3.07
CA MET A 211 6.39 1.47 -3.05
C MET A 211 7.85 1.17 -2.73
N ASN A 212 8.71 2.17 -2.87
CA ASN A 212 10.13 2.08 -2.60
C ASN A 212 10.49 2.57 -1.22
N HIS A 213 11.69 2.20 -0.82
CA HIS A 213 12.22 2.52 0.50
C HIS A 213 12.97 3.83 0.46
N SER A 214 12.82 4.61 1.52
CA SER A 214 13.74 5.74 1.75
C SER A 214 14.20 5.80 3.19
N CYS A 215 15.44 6.23 3.37
CA CYS A 215 15.98 6.49 4.71
C CYS A 215 15.36 7.74 5.32
N GLU A 216 14.70 8.55 4.49
CA GLU A 216 14.00 9.77 4.92
C GLU A 216 12.61 9.76 4.24
N PRO A 217 11.72 8.86 4.68
CA PRO A 217 10.47 8.60 3.96
C PRO A 217 9.39 9.63 4.17
N ASN A 218 8.37 9.58 3.31
CA ASN A 218 7.21 10.44 3.44
C ASN A 218 5.90 9.70 3.74
N CYS A 219 5.98 8.38 3.92
CA CYS A 219 4.85 7.51 4.22
C CYS A 219 5.24 6.50 5.29
N GLU A 220 4.22 5.94 5.91
CA GLU A 220 4.36 4.90 6.91
C GLU A 220 3.24 3.89 6.69
N THR A 221 3.43 2.70 7.22
CA THR A 221 2.36 1.71 7.28
C THR A 221 1.56 1.90 8.58
N GLN A 222 0.27 1.59 8.50
CA GLN A 222 -0.56 1.49 9.68
C GLN A 222 -1.47 0.28 9.53
N LYS A 223 -1.62 -0.48 10.60
CA LYS A 223 -2.48 -1.67 10.58
C LYS A 223 -3.85 -1.38 11.17
N TRP A 224 -4.87 -1.55 10.36
CA TRP A 224 -6.26 -1.22 10.68
C TRP A 224 -7.09 -2.49 10.71
N THR A 225 -8.06 -2.53 11.62
CA THR A 225 -8.98 -3.65 11.72
C THR A 225 -10.28 -3.33 10.97
N VAL A 226 -10.67 -4.22 10.06
CA VAL A 226 -11.92 -4.05 9.31
C VAL A 226 -12.68 -5.35 9.49
N ASN A 227 -13.85 -5.28 10.10
CA ASN A 227 -14.68 -6.45 10.46
C ASN A 227 -13.89 -7.56 11.14
N GLY A 228 -13.14 -7.21 12.16
CA GLY A 228 -12.32 -8.19 12.88
C GLY A 228 -11.09 -8.72 12.19
N GLN A 229 -10.77 -8.24 10.98
CA GLN A 229 -9.63 -8.73 10.26
C GLN A 229 -8.60 -7.61 10.08
N LEU A 230 -7.33 -7.92 10.37
CA LEU A 230 -6.30 -6.90 10.30
C LEU A 230 -5.87 -6.71 8.84
N ARG A 231 -5.71 -5.45 8.45
CA ARG A 231 -5.27 -5.05 7.12
C ARG A 231 -4.17 -3.98 7.30
N VAL A 232 -3.39 -3.71 6.27
CA VAL A 232 -2.30 -2.73 6.40
C VAL A 232 -2.33 -1.80 5.19
N GLY A 233 -2.07 -0.53 5.45
CA GLY A 233 -2.04 0.49 4.39
C GLY A 233 -0.93 1.48 4.59
N PHE A 234 -0.63 2.19 3.51
CA PHE A 234 0.33 3.29 3.49
C PHE A 234 -0.40 4.62 3.73
N PHE A 235 0.19 5.45 4.58
CA PHE A 235 -0.34 6.77 4.96
C PHE A 235 0.77 7.79 4.88
N THR A 236 0.49 8.99 4.38
CA THR A 236 1.55 10.02 4.35
C THR A 236 1.90 10.48 5.77
N THR A 237 3.15 10.88 5.99
CA THR A 237 3.58 11.48 7.27
C THR A 237 3.96 12.94 7.12
N LYS A 238 3.83 13.47 5.89
CA LYS A 238 4.06 14.86 5.60
C LYS A 238 3.23 15.21 4.37
N LEU A 239 3.13 16.50 4.08
CA LEU A 239 2.44 16.94 2.85
C LEU A 239 3.37 16.50 1.71
N VAL A 240 2.86 15.66 0.80
CA VAL A 240 3.65 15.18 -0.36
C VAL A 240 3.24 15.99 -1.58
N PRO A 241 4.14 16.84 -2.08
CA PRO A 241 3.72 17.65 -3.23
C PRO A 241 3.56 16.82 -4.51
N SER A 242 2.70 17.31 -5.40
CA SER A 242 2.45 16.65 -6.66
C SER A 242 3.77 16.38 -7.39
N GLY A 243 3.93 15.15 -7.88
CA GLY A 243 5.15 14.77 -8.62
C GLY A 243 6.22 14.11 -7.76
N SER A 244 6.10 14.16 -6.44
CA SER A 244 7.07 13.52 -5.56
C SER A 244 6.85 12.03 -5.41
N GLU A 245 7.95 11.26 -5.41
CA GLU A 245 7.86 9.84 -5.14
C GLU A 245 7.41 9.57 -3.71
N LEU A 246 6.57 8.55 -3.56
CA LEU A 246 6.08 8.10 -2.25
C LEU A 246 7.02 7.04 -1.74
N THR A 247 7.45 7.16 -0.50
CA THR A 247 8.44 6.27 0.05
C THR A 247 8.10 5.89 1.49
N PHE A 248 8.64 4.75 1.92
CA PHE A 248 8.51 4.34 3.35
C PHE A 248 9.77 3.66 3.83
N ASP A 249 9.82 3.36 5.12
CA ASP A 249 10.91 2.64 5.72
C ASP A 249 10.63 1.14 5.56
N TYR A 250 11.20 0.51 4.54
CA TYR A 250 11.10 -0.94 4.28
C TYR A 250 12.18 -1.75 4.93
N GLN A 251 11.86 -2.34 6.07
CA GLN A 251 12.88 -3.03 6.87
C GLN A 251 12.68 -4.56 6.88
N PHE A 252 12.31 -5.13 5.73
CA PHE A 252 12.14 -6.58 5.63
C PHE A 252 13.48 -7.27 5.42
N GLN A 253 13.77 -8.20 6.32
CA GLN A 253 15.02 -8.95 6.32
C GLN A 253 15.13 -9.93 5.15
N ARG A 254 16.33 -10.00 4.58
CA ARG A 254 16.57 -10.85 3.43
C ARG A 254 18.01 -11.32 3.36
N TYR A 255 18.22 -12.62 3.18
CA TYR A 255 19.56 -13.15 2.96
C TYR A 255 20.11 -12.73 1.59
N GLY A 256 21.39 -12.38 1.54
CA GLY A 256 22.07 -12.06 0.29
C GLY A 256 23.59 -12.13 0.44
N LYS A 257 24.26 -12.73 -0.55
CA LYS A 257 25.74 -12.76 -0.59
C LYS A 257 26.39 -11.39 -0.37
N GLU A 258 25.74 -10.35 -0.90
CA GLU A 258 26.09 -8.97 -0.63
C GLU A 258 24.83 -8.26 -0.12
N ALA A 259 24.98 -7.27 0.74
CA ALA A 259 23.84 -6.43 1.18
C ALA A 259 23.30 -5.61 0.01
N GLN A 260 22.05 -5.20 0.13
CA GLN A 260 21.40 -4.41 -0.91
C GLN A 260 21.68 -2.94 -0.68
N LYS A 261 22.38 -2.29 -1.62
CA LYS A 261 22.66 -0.87 -1.51
C LYS A 261 21.38 -0.03 -1.67
N CYS A 262 21.32 1.08 -0.96
CA CYS A 262 20.15 1.94 -0.96
C CYS A 262 20.39 3.10 -1.91
N PHE A 263 19.43 3.33 -2.79
CA PHE A 263 19.52 4.44 -3.74
C PHE A 263 18.54 5.59 -3.45
N CYS A 264 18.16 5.76 -2.18
CA CYS A 264 17.13 6.77 -1.83
C CYS A 264 17.59 8.22 -2.04
N GLY A 265 18.90 8.47 -1.98
CA GLY A 265 19.45 9.78 -2.23
C GLY A 265 19.32 10.76 -1.08
N SER A 266 18.81 10.33 0.08
CA SER A 266 18.71 11.22 1.23
C SER A 266 20.09 11.58 1.78
N ALA A 267 20.19 12.77 2.37
CA ALA A 267 21.43 13.20 3.02
C ALA A 267 21.83 12.23 4.14
N ASN A 268 20.85 11.73 4.85
CA ASN A 268 21.05 10.75 5.93
C ASN A 268 20.95 9.28 5.47
N CYS A 269 21.17 9.00 4.20
CA CYS A 269 20.99 7.64 3.71
C CYS A 269 21.96 6.74 4.47
N ARG A 270 21.44 5.66 5.00
CA ARG A 270 22.21 4.70 5.76
C ARG A 270 23.12 3.80 4.89
N GLY A 271 22.87 3.77 3.58
CA GLY A 271 23.71 3.06 2.62
C GLY A 271 23.16 1.74 2.11
N TYR A 272 22.36 1.05 2.94
CA TYR A 272 21.84 -0.28 2.67
C TYR A 272 20.39 -0.37 3.08
N LEU A 273 19.62 -1.24 2.42
CA LEU A 273 18.26 -1.61 2.89
C LEU A 273 18.35 -2.57 4.08
N GLY A 274 19.39 -3.41 4.08
CA GLY A 274 19.71 -4.26 5.25
C GLY A 274 21.20 -4.57 5.36
ZN ZN B . -17.21 7.71 14.70
ZN ZN C . -18.15 5.97 11.41
ZN ZN D . 18.90 5.38 1.74
S SCN E . -19.16 3.67 14.02
C SCN E . -19.21 2.19 13.74
N SCN E . -19.27 1.03 13.52
C4 76H F . 15.22 -0.22 -3.61
C5 76H F . 14.96 0.91 -2.87
C6 76H F . 16.05 1.75 -2.59
C8 76H F . 13.09 -0.09 -3.08
N1 76H F . 17.28 1.39 -3.05
N3 76H F . 16.42 -0.61 -4.09
O 76H F . 8.73 -3.59 -8.81
C 76H F . 9.54 -2.65 -8.71
CA 76H F . 9.60 -1.91 -7.37
N 76H F . 10.76 -0.97 -7.36
CB 76H F . 9.68 -2.86 -6.18
CAM 76H F . 9.34 -2.19 -4.86
CAY 76H F . 9.35 -3.11 -3.65
NAR 76H F . 8.19 -2.70 -2.75
CAK 76H F . 8.00 -3.50 -1.50
CAJ 76H F . 6.73 -3.11 -0.77
CAA 76H F . 6.52 -3.86 0.52
CAN 76H F . 10.68 -3.08 -2.88
CBB 76H F . 11.93 -3.42 -3.69
OAS 76H F . 12.34 -2.33 -4.53
CAZ 76H F . 13.14 -3.73 -2.79
OAF 76H F . 13.11 -5.08 -2.36
CBA 76H F . 14.33 -3.36 -3.72
OAG 76H F . 14.62 -4.41 -4.61
CBC 76H F . 13.75 -2.12 -4.44
N9 76H F . 14.01 -0.86 -3.74
N7 76H F . 13.61 0.98 -2.54
C2 76H F . 17.38 0.25 -3.76
N6 76H F . 15.95 2.87 -1.89
OXT 76H F . 10.30 -2.25 -9.62
H1 76H F . 12.16 -0.32 -3.03
H3 76H F . 8.78 -1.36 -7.27
H4 76H F . 10.46 -0.11 -7.30
H5 76H F . 11.25 -1.05 -8.14
H8 76H F . 9.06 -3.60 -6.33
H7 76H F . 10.58 -3.23 -6.12
H9 76H F . 9.97 -1.46 -4.71
H10 76H F . 8.45 -1.79 -4.94
H11 76H F . 9.20 -4.04 -3.96
H32 76H F . 8.31 -1.83 -2.52
H15 76H F . 7.97 -4.45 -1.74
H14 76H F . 8.76 -3.35 -0.91
H17 76H F . 6.75 -2.15 -0.59
H16 76H F . 5.96 -3.29 -1.36
H20 76H F . 6.54 -3.23 1.26
H18 76H F . 7.23 -4.52 0.63
H19 76H F . 5.67 -4.31 0.51
H21 76H F . 10.62 -3.69 -2.12
H22 76H F . 10.80 -2.17 -2.52
H23 76H F . 11.74 -4.21 -4.25
H24 76H F . 13.14 -3.14 -2.01
H25 76H F . 12.41 -5.45 -2.68
H26 76H F . 15.12 -3.13 -3.19
H27 76H F . 14.07 -5.07 -4.46
H28 76H F . 14.15 -2.04 -5.35
H29 76H F . 18.25 0.03 -4.07
H31 76H F . 15.15 3.13 -1.57
H30 76H F . 16.66 3.37 -1.73
H6 76H F . 11.31 -1.14 -6.65
H12 76H F . 7.42 -2.76 -3.24
#